data_6IXR
#
_entry.id   6IXR
#
_cell.length_a   63.508
_cell.length_b   63.508
_cell.length_c   225.830
_cell.angle_alpha   90.000
_cell.angle_beta   90.000
_cell.angle_gamma   120.000
#
_symmetry.space_group_name_H-M   'P 32 2 1'
#
loop_
_entity.id
_entity.type
_entity.pdbx_description
1 polymer Myosin-2
2 polymer 'Inheritance of peroxisomes protein 2'
3 non-polymer 'SULFATE ION'
#
loop_
_entity_poly.entity_id
_entity_poly.type
_entity_poly.pdbx_seq_one_letter_code
_entity_poly.pdbx_strand_id
1 'polypeptide(L)'
;GPGSNATQINEELYRLLEDTEILNQEITEGLLKGFEVPDAGVAIQLSKRDVVYPARILIIVLSEMWRFGLTKQSESFLAQ
VLTTIQKVVTQLKGNDLIPSGVFWLANVRELYSFVVFALNSILTEETFKNGMTDEEYKEYVSLVTELKDDFEALSYNIYN
IWLKKLQKQLQKKAINAVVISESLPGFSAGETSGANTEEYTMDDILTFFNSIYWCMKSFHIENEVFHAVVTTLLNYVDAI
CFNELIMKRNFLSWKRGLQLNYNVTRLEEWCKTHGLTDGTECLQHLIQTAKLLQVRKYTIEDIDILRGICYSLTPAQLQK
LISQYQVADYESPIPQEILRYVADIVKKEAALSSSGNDSKGHEHSSSIFITPETGPFTDPFSLIKTRKFDQVEAYIPAWL
SLPSTKRIVDLVAQQVVQDGHGSENLYFQ
;
A
2 'polypeptide(L)' SGSGSGSGSGSEFNHGFHLDILKGRK B
#
loop_
_chem_comp.id
_chem_comp.type
_chem_comp.name
_chem_comp.formula
SO4 non-polymer 'SULFATE ION' 'O4 S -2'
#
# COMPACT_ATOMS: atom_id res chain seq x y z
N ASN A 5 -5.33 39.95 27.22
CA ASN A 5 -6.13 38.86 26.67
C ASN A 5 -5.29 37.63 26.40
N ALA A 6 -4.04 37.85 26.02
CA ALA A 6 -3.11 36.76 25.71
C ALA A 6 -2.89 35.85 26.90
N THR A 7 -3.03 36.40 28.10
CA THR A 7 -2.89 35.63 29.33
C THR A 7 -4.05 34.65 29.48
N GLN A 8 -5.27 35.13 29.22
CA GLN A 8 -6.47 34.31 29.33
C GLN A 8 -6.55 33.27 28.22
N ILE A 9 -6.01 33.62 27.04
CA ILE A 9 -6.02 32.71 25.90
C ILE A 9 -5.14 31.49 26.16
N ASN A 10 -3.92 31.74 26.64
CA ASN A 10 -2.98 30.67 26.95
C ASN A 10 -3.46 29.81 28.12
N GLU A 11 -4.21 30.42 29.02
CA GLU A 11 -4.73 29.72 30.19
C GLU A 11 -5.80 28.69 29.80
N GLU A 12 -6.66 29.08 28.87
CA GLU A 12 -7.72 28.19 28.40
C GLU A 12 -7.15 27.01 27.64
N LEU A 13 -6.09 27.27 26.88
CA LEU A 13 -5.42 26.22 26.11
C LEU A 13 -4.87 25.12 27.01
N TYR A 14 -4.27 25.52 28.12
CA TYR A 14 -3.65 24.59 29.05
C TYR A 14 -4.68 23.61 29.61
N ARG A 15 -5.81 24.15 30.09
CA ARG A 15 -6.86 23.32 30.68
C ARG A 15 -7.44 22.33 29.67
N LEU A 16 -7.54 22.75 28.42
CA LEU A 16 -8.03 21.89 27.36
C LEU A 16 -7.04 20.76 27.05
N LEU A 17 -5.75 21.09 27.10
CA LEU A 17 -4.71 20.13 26.76
C LEU A 17 -4.38 19.19 27.92
N GLU A 18 -4.42 19.71 29.14
CA GLU A 18 -4.08 18.93 30.33
C GLU A 18 -5.06 17.79 30.55
N ASP A 19 -6.31 18.01 30.15
CA ASP A 19 -7.35 17.00 30.29
C ASP A 19 -7.37 16.06 29.08
N THR A 20 -6.42 15.13 29.03
CA THR A 20 -6.34 14.17 27.95
C THR A 20 -7.25 12.97 28.19
N GLU A 21 -8.34 13.20 28.90
CA GLU A 21 -9.36 12.20 29.10
C GLU A 21 -10.55 12.54 28.21
N ILE A 22 -10.73 13.83 27.98
CA ILE A 22 -11.75 14.32 27.06
C ILE A 22 -11.22 14.33 25.64
N LEU A 23 -9.98 14.81 25.49
CA LEU A 23 -9.35 14.95 24.19
C LEU A 23 -9.13 13.59 23.52
N ASN A 24 -8.63 12.63 24.29
CA ASN A 24 -8.44 11.27 23.78
C ASN A 24 -9.76 10.64 23.37
N GLN A 25 -10.84 11.07 24.01
CA GLN A 25 -12.16 10.54 23.70
C GLN A 25 -12.72 11.16 22.42
N GLU A 26 -12.45 12.44 22.22
CA GLU A 26 -12.91 13.14 21.02
C GLU A 26 -12.15 12.68 19.78
N ILE A 27 -10.84 12.58 19.89
CA ILE A 27 -9.99 12.19 18.77
C ILE A 27 -10.29 10.77 18.29
N THR A 28 -10.29 9.82 19.23
CA THR A 28 -10.50 8.43 18.89
C THR A 28 -11.89 8.17 18.32
N GLU A 29 -12.91 8.69 18.97
CA GLU A 29 -14.29 8.43 18.57
C GLU A 29 -14.76 9.33 17.44
N GLY A 30 -14.39 10.60 17.49
CA GLY A 30 -14.88 11.57 16.52
C GLY A 30 -14.01 11.78 15.30
N LEU A 31 -12.70 11.64 15.48
CA LEU A 31 -11.76 11.91 14.38
C LEU A 31 -11.22 10.63 13.75
N LEU A 32 -10.76 9.70 14.59
CA LEU A 32 -10.11 8.49 14.08
C LEU A 32 -11.12 7.41 13.70
N LYS A 33 -12.08 7.12 14.57
CA LYS A 33 -13.13 6.15 14.27
C LYS A 33 -14.30 6.82 13.55
N GLY A 34 -14.56 8.08 13.89
CA GLY A 34 -15.63 8.83 13.26
C GLY A 34 -15.15 9.51 11.99
N PHE A 35 -14.12 8.94 11.38
CA PHE A 35 -13.55 9.47 10.15
C PHE A 35 -14.50 9.24 8.97
N GLU A 36 -14.59 10.24 8.10
CA GLU A 36 -15.37 10.12 6.89
C GLU A 36 -14.49 10.31 5.67
N VAL A 37 -14.15 9.21 5.00
CA VAL A 37 -13.35 9.26 3.79
C VAL A 37 -14.17 9.86 2.65
N PRO A 38 -13.69 10.98 2.10
CA PRO A 38 -14.36 11.65 0.97
C PRO A 38 -14.45 10.75 -0.27
N ASP A 39 -15.30 11.10 -1.22
CA ASP A 39 -15.52 10.30 -2.41
C ASP A 39 -14.21 10.07 -3.18
N ALA A 40 -13.86 8.80 -3.33
CA ALA A 40 -12.58 8.42 -3.92
C ALA A 40 -12.62 8.37 -5.44
N GLY A 41 -13.09 9.46 -6.04
CA GLY A 41 -13.09 9.60 -7.49
C GLY A 41 -12.71 11.02 -7.85
N VAL A 42 -12.12 11.20 -9.03
CA VAL A 42 -11.75 12.53 -9.48
C VAL A 42 -12.94 13.18 -10.20
N ALA A 43 -14.13 12.76 -9.81
CA ALA A 43 -15.34 13.50 -10.16
C ALA A 43 -15.23 14.86 -9.48
N ILE A 44 -15.28 14.85 -8.15
CA ILE A 44 -15.00 16.03 -7.37
C ILE A 44 -13.51 16.07 -7.04
N GLN A 45 -12.94 17.27 -6.95
CA GLN A 45 -11.51 17.42 -6.70
C GLN A 45 -11.20 17.68 -5.23
N LEU A 46 -10.26 16.92 -4.69
CA LEU A 46 -9.84 17.08 -3.30
C LEU A 46 -8.49 17.75 -3.19
N SER A 47 -8.41 18.80 -2.36
CA SER A 47 -7.14 19.40 -2.03
C SER A 47 -6.49 18.60 -0.91
N LYS A 48 -5.24 18.91 -0.59
CA LYS A 48 -4.55 18.21 0.49
C LYS A 48 -5.22 18.48 1.83
N ARG A 49 -5.84 19.65 1.96
CA ARG A 49 -6.49 20.06 3.19
C ARG A 49 -7.68 19.15 3.55
N ASP A 50 -8.22 18.46 2.56
CA ASP A 50 -9.38 17.61 2.76
C ASP A 50 -9.00 16.13 2.83
N VAL A 51 -7.74 15.83 2.56
CA VAL A 51 -7.27 14.45 2.55
C VAL A 51 -6.52 14.12 3.85
N VAL A 52 -5.56 14.96 4.21
CA VAL A 52 -4.80 14.72 5.42
C VAL A 52 -5.28 15.61 6.58
N TYR A 53 -6.58 15.91 6.58
CA TYR A 53 -7.15 16.79 7.61
C TYR A 53 -7.06 16.23 9.05
N PRO A 54 -7.17 14.90 9.25
CA PRO A 54 -7.00 14.50 10.66
C PRO A 54 -5.55 14.64 11.10
N ALA A 55 -4.62 14.40 10.19
CA ALA A 55 -3.20 14.50 10.48
C ALA A 55 -2.83 15.94 10.83
N ARG A 56 -3.36 16.90 10.06
CA ARG A 56 -3.10 18.31 10.30
C ARG A 56 -3.63 18.73 11.66
N ILE A 57 -4.75 18.14 12.07
CA ILE A 57 -5.34 18.43 13.37
C ILE A 57 -4.49 17.86 14.51
N LEU A 58 -4.10 16.60 14.36
CA LEU A 58 -3.29 15.93 15.38
C LEU A 58 -1.93 16.60 15.55
N ILE A 59 -1.46 17.26 14.49
CA ILE A 59 -0.20 18.00 14.54
C ILE A 59 -0.32 19.24 15.41
N ILE A 60 -1.37 20.03 15.18
CA ILE A 60 -1.63 21.23 15.96
C ILE A 60 -1.77 20.94 17.44
N VAL A 61 -2.58 19.93 17.77
CA VAL A 61 -2.78 19.50 19.15
C VAL A 61 -1.45 19.10 19.77
N LEU A 62 -0.71 18.24 19.08
CA LEU A 62 0.58 17.77 19.58
C LEU A 62 1.59 18.90 19.69
N SER A 63 1.52 19.86 18.77
CA SER A 63 2.42 20.99 18.78
C SER A 63 2.23 21.86 20.02
N GLU A 64 0.98 22.05 20.40
CA GLU A 64 0.67 22.86 21.58
C GLU A 64 1.03 22.12 22.87
N MET A 65 0.81 20.81 22.89
CA MET A 65 1.17 19.99 24.03
C MET A 65 2.68 20.03 24.28
N TRP A 66 3.44 20.12 23.20
CA TRP A 66 4.89 20.21 23.29
C TRP A 66 5.33 21.63 23.69
N ARG A 67 4.49 22.61 23.37
CA ARG A 67 4.81 24.00 23.66
C ARG A 67 4.57 24.34 25.13
N PHE A 68 3.61 23.67 25.75
CA PHE A 68 3.33 23.91 27.16
C PHE A 68 3.96 22.84 28.04
N GLY A 69 4.91 22.09 27.48
CA GLY A 69 5.68 21.12 28.24
C GLY A 69 4.87 19.95 28.77
N LEU A 70 3.66 19.76 28.26
CA LEU A 70 2.81 18.67 28.70
C LEU A 70 3.27 17.33 28.08
N THR A 71 4.50 16.95 28.39
CA THR A 71 5.11 15.73 27.85
C THR A 71 4.34 14.49 28.31
N LYS A 72 3.90 14.51 29.57
CA LYS A 72 3.13 13.41 30.13
C LYS A 72 1.86 13.14 29.34
N GLN A 73 1.23 14.20 28.86
CA GLN A 73 -0.04 14.10 28.15
C GLN A 73 0.14 13.73 26.69
N SER A 74 1.09 14.39 26.02
CA SER A 74 1.31 14.17 24.60
C SER A 74 1.78 12.74 24.32
N GLU A 75 2.42 12.13 25.32
CA GLU A 75 2.88 10.75 25.19
C GLU A 75 1.70 9.79 25.17
N SER A 76 0.79 9.94 26.14
CA SER A 76 -0.38 9.08 26.22
C SER A 76 -1.38 9.40 25.12
N PHE A 77 -1.32 10.63 24.62
CA PHE A 77 -2.20 11.07 23.54
C PHE A 77 -1.91 10.31 22.26
N LEU A 78 -0.64 10.30 21.85
CA LEU A 78 -0.23 9.66 20.62
C LEU A 78 -0.18 8.15 20.73
N ALA A 79 0.13 7.66 21.93
CA ALA A 79 0.21 6.22 22.18
C ALA A 79 -1.14 5.53 21.95
N GLN A 80 -2.20 6.33 21.99
CA GLN A 80 -3.53 5.83 21.68
C GLN A 80 -3.85 6.05 20.21
N VAL A 81 -3.37 7.15 19.66
CA VAL A 81 -3.55 7.47 18.24
C VAL A 81 -3.01 6.35 17.34
N LEU A 82 -1.80 5.90 17.65
CA LEU A 82 -1.18 4.80 16.92
C LEU A 82 -2.01 3.53 17.02
N THR A 83 -2.42 3.20 18.24
CA THR A 83 -3.20 2.00 18.49
C THR A 83 -4.57 2.06 17.83
N THR A 84 -5.15 3.26 17.77
CA THR A 84 -6.47 3.44 17.21
C THR A 84 -6.43 3.44 15.68
N ILE A 85 -5.44 4.13 15.11
CA ILE A 85 -5.27 4.15 13.66
C ILE A 85 -5.05 2.75 13.10
N GLN A 86 -4.18 1.98 13.76
CA GLN A 86 -3.90 0.61 13.34
C GLN A 86 -5.12 -0.29 13.58
N LYS A 87 -5.92 0.05 14.59
CA LYS A 87 -7.13 -0.71 14.89
C LYS A 87 -8.16 -0.55 13.76
N VAL A 88 -8.23 0.64 13.19
CA VAL A 88 -9.17 0.92 12.11
C VAL A 88 -8.77 0.19 10.82
N VAL A 89 -7.49 0.26 10.47
CA VAL A 89 -6.97 -0.39 9.27
C VAL A 89 -7.22 -1.89 9.29
N THR A 90 -7.00 -2.50 10.46
CA THR A 90 -7.20 -3.94 10.62
C THR A 90 -8.67 -4.33 10.52
N GLN A 91 -9.54 -3.41 10.92
CA GLN A 91 -10.98 -3.67 10.89
C GLN A 91 -11.60 -3.35 9.52
N LEU A 92 -10.78 -2.90 8.58
CA LEU A 92 -11.26 -2.54 7.25
C LEU A 92 -11.65 -3.77 6.42
N LYS A 93 -12.91 -3.78 5.96
CA LYS A 93 -13.42 -4.86 5.12
C LYS A 93 -14.37 -4.31 4.05
N GLY A 94 -14.47 -5.02 2.93
CA GLY A 94 -15.46 -4.72 1.91
C GLY A 94 -15.11 -3.58 0.96
N ASN A 95 -16.11 -2.77 0.65
CA ASN A 95 -15.99 -1.70 -0.34
C ASN A 95 -15.19 -0.49 0.15
N ASP A 96 -14.70 -0.56 1.38
CA ASP A 96 -13.95 0.55 1.96
C ASP A 96 -12.46 0.23 2.06
N LEU A 97 -12.09 -1.01 1.73
CA LEU A 97 -10.71 -1.48 1.87
C LEU A 97 -9.71 -0.59 1.14
N ILE A 98 -10.04 -0.19 -0.07
CA ILE A 98 -9.12 0.61 -0.88
C ILE A 98 -9.14 2.11 -0.53
N PRO A 99 -10.33 2.76 -0.50
CA PRO A 99 -10.26 4.20 -0.25
C PRO A 99 -9.86 4.57 1.18
N SER A 100 -10.36 3.83 2.17
CA SER A 100 -10.06 4.13 3.56
C SER A 100 -8.62 3.77 3.91
N GLY A 101 -8.13 2.68 3.34
CA GLY A 101 -6.76 2.25 3.57
C GLY A 101 -5.75 3.24 3.06
N VAL A 102 -5.98 3.74 1.84
CA VAL A 102 -5.12 4.76 1.26
C VAL A 102 -5.21 6.06 2.07
N PHE A 103 -6.41 6.36 2.54
CA PHE A 103 -6.67 7.57 3.33
C PHE A 103 -5.77 7.66 4.56
N TRP A 104 -5.59 6.53 5.24
CA TRP A 104 -4.79 6.50 6.46
C TRP A 104 -3.31 6.40 6.15
N LEU A 105 -2.97 5.84 4.99
CA LEU A 105 -1.58 5.80 4.55
C LEU A 105 -1.08 7.21 4.27
N ALA A 106 -1.98 8.08 3.81
CA ALA A 106 -1.65 9.47 3.55
C ALA A 106 -1.48 10.26 4.85
N ASN A 107 -2.33 9.96 5.83
CA ASN A 107 -2.29 10.65 7.11
C ASN A 107 -1.10 10.25 7.96
N VAL A 108 -0.85 8.94 8.05
CA VAL A 108 0.29 8.43 8.79
C VAL A 108 1.58 8.98 8.21
N ARG A 109 1.62 9.11 6.88
CA ARG A 109 2.77 9.70 6.21
C ARG A 109 2.89 11.18 6.52
N GLU A 110 1.76 11.86 6.58
CA GLU A 110 1.73 13.28 6.92
C GLU A 110 2.19 13.48 8.37
N LEU A 111 1.75 12.58 9.24
CA LEU A 111 2.16 12.63 10.64
C LEU A 111 3.64 12.31 10.79
N TYR A 112 4.11 11.33 10.02
CA TYR A 112 5.51 10.91 10.08
C TYR A 112 6.43 12.02 9.58
N SER A 113 5.94 12.82 8.64
CA SER A 113 6.71 13.92 8.07
C SER A 113 6.96 15.01 9.10
N PHE A 114 5.97 15.25 9.95
CA PHE A 114 6.08 16.28 10.99
C PHE A 114 7.08 15.89 12.07
N VAL A 115 6.98 14.65 12.53
CA VAL A 115 7.87 14.14 13.58
C VAL A 115 9.32 14.16 13.11
N VAL A 116 9.51 13.87 11.82
CA VAL A 116 10.83 13.99 11.20
C VAL A 116 11.28 15.44 11.23
N PHE A 117 10.37 16.36 10.89
CA PHE A 117 10.66 17.79 10.90
C PHE A 117 10.97 18.29 12.30
N ALA A 118 10.24 17.76 13.29
CA ALA A 118 10.46 18.15 14.68
C ALA A 118 11.83 17.69 15.18
N LEU A 119 12.11 16.41 14.97
CA LEU A 119 13.39 15.83 15.40
C LEU A 119 14.56 16.48 14.69
N ASN A 120 14.37 16.80 13.41
CA ASN A 120 15.41 17.47 12.63
C ASN A 120 15.62 18.91 13.11
N SER A 121 14.57 19.49 13.69
CA SER A 121 14.64 20.86 14.15
C SER A 121 15.33 20.97 15.52
N ILE A 122 15.00 20.04 16.42
CA ILE A 122 15.51 20.09 17.79
C ILE A 122 17.00 19.76 17.85
N LEU A 123 17.50 19.04 16.84
CA LEU A 123 18.91 18.68 16.79
C LEU A 123 19.75 19.72 16.05
N THR A 124 19.13 20.44 15.13
CA THR A 124 19.85 21.41 14.31
C THR A 124 19.77 22.82 14.89
N GLU A 125 18.59 23.23 15.33
CA GLU A 125 18.41 24.55 15.91
C GLU A 125 18.89 24.58 17.36
N GLU A 126 19.74 25.55 17.69
CA GLU A 126 20.32 25.65 19.02
C GLU A 126 19.41 26.34 20.03
N THR A 127 18.43 27.07 19.53
CA THR A 127 17.48 27.77 20.40
C THR A 127 16.75 26.80 21.32
N PHE A 128 16.62 25.56 20.88
CA PHE A 128 16.00 24.51 21.69
C PHE A 128 16.96 24.01 22.77
N LYS A 129 18.18 23.70 22.36
CA LYS A 129 19.18 23.17 23.28
C LYS A 129 19.64 24.24 24.28
N ASN A 130 19.59 25.50 23.86
CA ASN A 130 20.04 26.61 24.69
C ASN A 130 18.97 27.08 25.67
N GLY A 131 17.70 26.85 25.31
CA GLY A 131 16.59 27.39 26.09
C GLY A 131 15.95 26.43 27.07
N MET A 132 16.57 25.27 27.27
CA MET A 132 16.03 24.30 28.22
C MET A 132 17.14 23.54 28.95
N THR A 133 16.74 22.81 29.99
CA THR A 133 17.66 22.04 30.80
C THR A 133 18.32 20.93 29.98
N ASP A 134 19.53 20.55 30.38
CA ASP A 134 20.21 19.41 29.77
C ASP A 134 19.40 18.14 30.00
N GLU A 135 18.64 18.12 31.09
CA GLU A 135 17.72 17.04 31.39
C GLU A 135 16.53 17.09 30.45
N GLU A 136 15.93 18.27 30.32
CA GLU A 136 14.77 18.47 29.47
C GLU A 136 15.06 18.17 28.01
N TYR A 137 16.24 18.58 27.55
CA TYR A 137 16.64 18.37 26.16
C TYR A 137 16.80 16.89 25.86
N LYS A 138 17.45 16.17 26.76
CA LYS A 138 17.66 14.73 26.60
C LYS A 138 16.34 13.98 26.71
N GLU A 139 15.34 14.62 27.28
CA GLU A 139 14.01 14.02 27.40
C GLU A 139 13.22 14.18 26.11
N TYR A 140 13.24 15.39 25.56
CA TYR A 140 12.52 15.66 24.31
C TYR A 140 13.11 14.93 23.13
N VAL A 141 14.43 14.98 23.00
CA VAL A 141 15.13 14.30 21.91
C VAL A 141 14.82 12.80 21.94
N SER A 142 14.74 12.24 23.14
CA SER A 142 14.38 10.84 23.31
C SER A 142 12.88 10.62 23.09
N LEU A 143 12.09 11.64 23.41
CA LEU A 143 10.64 11.57 23.26
C LEU A 143 10.23 11.56 21.79
N VAL A 144 10.78 12.51 21.03
CA VAL A 144 10.45 12.65 19.62
C VAL A 144 11.02 11.50 18.79
N THR A 145 12.22 11.06 19.14
CA THR A 145 12.87 9.95 18.44
C THR A 145 12.09 8.66 18.60
N GLU A 146 11.65 8.38 19.83
CA GLU A 146 10.82 7.20 20.10
C GLU A 146 9.51 7.30 19.32
N LEU A 147 9.00 8.52 19.20
CA LEU A 147 7.77 8.77 18.47
C LEU A 147 7.93 8.50 16.98
N LYS A 148 9.06 8.94 16.42
CA LYS A 148 9.34 8.75 15.01
C LYS A 148 9.42 7.27 14.65
N ASP A 149 10.13 6.50 15.47
CA ASP A 149 10.27 5.07 15.25
C ASP A 149 8.91 4.37 15.31
N ASP A 150 8.05 4.84 16.21
CA ASP A 150 6.72 4.27 16.35
C ASP A 150 5.84 4.58 15.14
N PHE A 151 6.08 5.72 14.50
CA PHE A 151 5.28 6.15 13.36
C PHE A 151 5.65 5.40 12.09
N GLU A 152 6.95 5.20 11.86
CA GLU A 152 7.40 4.44 10.70
C GLU A 152 7.07 2.97 10.88
N ALA A 153 6.93 2.55 12.14
CA ALA A 153 6.52 1.19 12.45
C ALA A 153 5.00 1.07 12.31
N LEU A 154 4.32 2.21 12.27
CA LEU A 154 2.88 2.23 12.06
C LEU A 154 2.56 2.18 10.58
N SER A 155 3.28 2.99 9.80
CA SER A 155 3.11 2.99 8.34
C SER A 155 3.46 1.64 7.77
N TYR A 156 4.55 1.06 8.27
CA TYR A 156 5.00 -0.26 7.84
C TYR A 156 3.95 -1.32 8.18
N ASN A 157 3.31 -1.17 9.33
CA ASN A 157 2.30 -2.11 9.77
C ASN A 157 1.00 -1.99 8.98
N ILE A 158 0.44 -0.79 8.92
CA ILE A 158 -0.84 -0.58 8.26
C ILE A 158 -0.76 -0.80 6.75
N TYR A 159 0.45 -0.73 6.20
CA TYR A 159 0.64 -1.01 4.78
C TYR A 159 0.50 -2.51 4.52
N ASN A 160 1.23 -3.29 5.30
CA ASN A 160 1.18 -4.74 5.18
C ASN A 160 -0.22 -5.29 5.45
N ILE A 161 -0.86 -4.77 6.50
CA ILE A 161 -2.23 -5.16 6.83
C ILE A 161 -3.18 -4.87 5.67
N TRP A 162 -3.03 -3.68 5.08
CA TRP A 162 -3.86 -3.26 3.96
C TRP A 162 -3.53 -4.03 2.69
N LEU A 163 -2.24 -4.27 2.46
CA LEU A 163 -1.80 -4.95 1.24
C LEU A 163 -2.13 -6.44 1.28
N LYS A 164 -2.01 -7.05 2.45
CA LYS A 164 -2.39 -8.45 2.61
C LYS A 164 -3.89 -8.64 2.44
N LYS A 165 -4.64 -7.57 2.71
CA LYS A 165 -6.09 -7.60 2.56
C LYS A 165 -6.48 -7.41 1.10
N LEU A 166 -5.71 -6.59 0.38
CA LEU A 166 -5.93 -6.40 -1.05
C LEU A 166 -5.74 -7.70 -1.82
N GLN A 167 -4.70 -8.44 -1.44
CA GLN A 167 -4.39 -9.72 -2.06
C GLN A 167 -5.50 -10.73 -1.83
N LYS A 168 -6.17 -10.62 -0.68
CA LYS A 168 -7.27 -11.51 -0.34
C LYS A 168 -8.50 -11.20 -1.20
N GLN A 169 -8.70 -9.93 -1.51
CA GLN A 169 -9.81 -9.53 -2.37
C GLN A 169 -9.56 -9.96 -3.81
N LEU A 170 -8.29 -9.95 -4.22
CA LEU A 170 -7.92 -10.35 -5.57
C LEU A 170 -8.14 -11.83 -5.80
N GLN A 171 -7.57 -12.65 -4.92
CA GLN A 171 -7.60 -14.11 -5.07
C GLN A 171 -9.01 -14.65 -5.27
N LYS A 172 -10.00 -13.97 -4.70
CA LYS A 172 -11.39 -14.34 -4.88
C LYS A 172 -11.86 -14.03 -6.31
N LYS A 173 -11.26 -13.01 -6.91
CA LYS A 173 -11.67 -12.58 -8.24
C LYS A 173 -10.63 -12.87 -9.31
N ALA A 174 -9.36 -12.92 -8.92
CA ALA A 174 -8.26 -13.04 -9.88
C ALA A 174 -8.26 -14.36 -10.64
N ILE A 175 -8.34 -15.47 -9.90
CA ILE A 175 -8.25 -16.80 -10.49
C ILE A 175 -9.37 -17.09 -11.49
N ASN A 176 -10.60 -16.81 -11.09
CA ASN A 176 -11.77 -17.12 -11.93
C ASN A 176 -11.88 -16.20 -13.16
N ALA A 177 -11.32 -15.00 -13.06
CA ALA A 177 -11.46 -14.03 -14.14
C ALA A 177 -10.30 -14.08 -15.14
N VAL A 178 -9.26 -14.82 -14.79
CA VAL A 178 -8.09 -14.95 -15.65
C VAL A 178 -7.99 -16.35 -16.25
N VAL A 179 -8.20 -17.35 -15.41
CA VAL A 179 -8.08 -18.74 -15.82
C VAL A 179 -9.36 -19.25 -16.49
N ILE A 180 -10.51 -18.86 -15.95
CA ILE A 180 -11.79 -19.40 -16.41
C ILE A 180 -12.49 -18.47 -17.42
N SER A 181 -12.49 -17.16 -17.13
CA SER A 181 -13.22 -16.19 -17.93
C SER A 181 -12.82 -16.23 -19.40
N GLU A 182 -13.80 -16.04 -20.29
CA GLU A 182 -13.57 -16.10 -21.72
C GLU A 182 -14.42 -15.08 -22.48
N SER A 183 -13.76 -14.10 -23.08
CA SER A 183 -14.45 -13.06 -23.85
C SER A 183 -14.74 -13.52 -25.27
N GLU A 199 -18.24 -16.06 -10.19
CA GLU A 199 -18.43 -15.66 -11.58
C GLU A 199 -17.87 -14.26 -11.82
N TYR A 200 -16.57 -14.19 -12.05
CA TYR A 200 -15.92 -12.90 -12.25
C TYR A 200 -15.32 -12.76 -13.65
N THR A 201 -15.32 -11.53 -14.16
CA THR A 201 -14.76 -11.25 -15.47
C THR A 201 -13.52 -10.37 -15.35
N MET A 202 -12.80 -10.18 -16.45
CA MET A 202 -11.62 -9.33 -16.47
C MET A 202 -11.99 -7.88 -16.23
N ASP A 203 -13.26 -7.55 -16.50
CA ASP A 203 -13.78 -6.21 -16.24
C ASP A 203 -13.76 -5.92 -14.74
N ASP A 204 -14.08 -6.94 -13.94
CA ASP A 204 -14.09 -6.81 -12.49
C ASP A 204 -12.67 -6.59 -11.95
N ILE A 205 -11.71 -7.31 -12.54
CA ILE A 205 -10.31 -7.20 -12.14
C ILE A 205 -9.75 -5.82 -12.47
N LEU A 206 -10.00 -5.36 -13.69
CA LEU A 206 -9.52 -4.06 -14.12
C LEU A 206 -10.23 -2.93 -13.36
N THR A 207 -11.45 -3.20 -12.90
CA THR A 207 -12.19 -2.26 -12.07
C THR A 207 -11.52 -2.17 -10.69
N PHE A 208 -11.05 -3.30 -10.19
CA PHE A 208 -10.34 -3.37 -8.92
C PHE A 208 -9.09 -2.50 -8.96
N PHE A 209 -8.40 -2.51 -10.09
CA PHE A 209 -7.20 -1.72 -10.26
C PHE A 209 -7.51 -0.26 -10.54
N ASN A 210 -8.61 -0.02 -11.25
CA ASN A 210 -9.09 1.35 -11.48
C ASN A 210 -9.40 2.05 -10.17
N SER A 211 -9.96 1.28 -9.22
CA SER A 211 -10.27 1.79 -7.90
C SER A 211 -9.00 2.24 -7.18
N ILE A 212 -8.00 1.37 -7.18
CA ILE A 212 -6.71 1.66 -6.56
C ILE A 212 -6.04 2.87 -7.20
N TYR A 213 -6.10 2.93 -8.53
CA TYR A 213 -5.49 4.02 -9.28
C TYR A 213 -6.12 5.37 -8.94
N TRP A 214 -7.44 5.43 -9.01
CA TRP A 214 -8.16 6.69 -8.78
C TRP A 214 -8.01 7.17 -7.34
N CYS A 215 -7.92 6.24 -6.40
CA CYS A 215 -7.77 6.59 -4.99
C CYS A 215 -6.44 7.29 -4.73
N MET A 216 -5.37 6.72 -5.25
CA MET A 216 -4.03 7.25 -5.01
C MET A 216 -3.79 8.55 -5.78
N LYS A 217 -4.62 8.82 -6.77
CA LYS A 217 -4.53 10.08 -7.51
C LYS A 217 -5.37 11.15 -6.83
N SER A 218 -6.52 10.75 -6.31
CA SER A 218 -7.42 11.67 -5.63
C SER A 218 -6.88 12.09 -4.27
N PHE A 219 -6.10 11.22 -3.65
CA PHE A 219 -5.60 11.47 -2.30
C PHE A 219 -4.16 11.97 -2.30
N HIS A 220 -3.70 12.46 -3.46
CA HIS A 220 -2.37 13.04 -3.61
C HIS A 220 -1.25 12.11 -3.17
N ILE A 221 -1.44 10.81 -3.36
CA ILE A 221 -0.42 9.83 -3.02
C ILE A 221 0.69 9.85 -4.06
N GLU A 222 1.94 9.79 -3.58
CA GLU A 222 3.10 9.73 -4.46
C GLU A 222 3.00 8.52 -5.38
N ASN A 223 3.29 8.73 -6.67
CA ASN A 223 3.12 7.69 -7.68
C ASN A 223 4.07 6.51 -7.52
N GLU A 224 5.02 6.62 -6.62
CA GLU A 224 5.94 5.52 -6.35
C GLU A 224 5.25 4.45 -5.51
N VAL A 225 4.35 4.88 -4.63
CA VAL A 225 3.56 3.95 -3.84
C VAL A 225 2.56 3.22 -4.72
N PHE A 226 1.98 3.95 -5.66
CA PHE A 226 1.06 3.37 -6.63
C PHE A 226 1.77 2.31 -7.46
N HIS A 227 2.99 2.62 -7.88
CA HIS A 227 3.82 1.67 -8.61
C HIS A 227 4.13 0.45 -7.77
N ALA A 228 4.42 0.68 -6.49
CA ALA A 228 4.77 -0.40 -5.57
C ALA A 228 3.60 -1.33 -5.30
N VAL A 229 2.42 -0.76 -5.10
CA VAL A 229 1.23 -1.54 -4.79
C VAL A 229 0.82 -2.42 -5.96
N VAL A 230 0.72 -1.83 -7.15
CA VAL A 230 0.32 -2.56 -8.35
C VAL A 230 1.32 -3.66 -8.68
N THR A 231 2.60 -3.32 -8.62
CA THR A 231 3.68 -4.28 -8.89
C THR A 231 3.55 -5.51 -8.00
N THR A 232 3.31 -5.28 -6.72
CA THR A 232 3.12 -6.35 -5.75
C THR A 232 1.91 -7.21 -6.10
N LEU A 233 0.79 -6.55 -6.40
CA LEU A 233 -0.44 -7.25 -6.73
C LEU A 233 -0.35 -8.01 -8.05
N LEU A 234 0.38 -7.45 -9.01
CA LEU A 234 0.53 -8.08 -10.32
C LEU A 234 1.30 -9.39 -10.22
N ASN A 235 2.40 -9.38 -9.47
CA ASN A 235 3.21 -10.57 -9.26
C ASN A 235 2.42 -11.64 -8.52
N TYR A 236 1.48 -11.21 -7.69
CA TYR A 236 0.62 -12.12 -6.94
C TYR A 236 -0.39 -12.79 -7.86
N VAL A 237 -1.04 -11.99 -8.71
CA VAL A 237 -1.96 -12.52 -9.71
C VAL A 237 -1.22 -13.46 -10.65
N ASP A 238 0.00 -13.07 -11.01
CA ASP A 238 0.85 -13.90 -11.86
C ASP A 238 1.13 -15.25 -11.22
N ALA A 239 1.27 -15.26 -9.89
CA ALA A 239 1.61 -16.47 -9.17
C ALA A 239 0.41 -17.38 -8.93
N ILE A 240 -0.68 -16.81 -8.40
CA ILE A 240 -1.83 -17.61 -8.02
C ILE A 240 -2.59 -18.17 -9.22
N CYS A 241 -2.49 -17.48 -10.36
CA CYS A 241 -3.15 -17.94 -11.57
C CYS A 241 -2.33 -19.04 -12.24
N PHE A 242 -1.00 -18.89 -12.21
CA PHE A 242 -0.11 -19.89 -12.77
C PHE A 242 -0.21 -21.21 -12.00
N ASN A 243 -0.36 -21.10 -10.69
CA ASN A 243 -0.48 -22.28 -9.83
C ASN A 243 -1.81 -23.00 -10.01
N GLU A 244 -2.78 -22.29 -10.56
CA GLU A 244 -4.08 -22.88 -10.87
C GLU A 244 -4.03 -23.58 -12.22
N LEU A 245 -3.30 -22.99 -13.15
CA LEU A 245 -3.18 -23.52 -14.51
C LEU A 245 -2.40 -24.83 -14.56
N ILE A 246 -1.28 -24.87 -13.84
CA ILE A 246 -0.36 -26.00 -13.92
C ILE A 246 -0.95 -27.25 -13.26
N MET A 247 -2.05 -27.09 -12.53
CA MET A 247 -2.75 -28.23 -11.94
C MET A 247 -4.00 -28.56 -12.74
N LYS A 248 -4.40 -27.65 -13.62
CA LYS A 248 -5.55 -27.86 -14.48
C LYS A 248 -5.30 -28.97 -15.50
N ARG A 249 -6.19 -29.96 -15.53
CA ARG A 249 -6.08 -31.06 -16.48
C ARG A 249 -7.28 -31.08 -17.42
N ASN A 250 -7.06 -31.53 -18.65
CA ASN A 250 -8.07 -31.48 -19.71
C ASN A 250 -8.58 -30.05 -19.87
N PHE A 251 -7.66 -29.10 -19.87
CA PHE A 251 -8.00 -27.68 -19.81
C PHE A 251 -7.08 -26.83 -20.68
N LEU A 252 -5.80 -27.18 -20.71
CA LEU A 252 -4.81 -26.40 -21.43
C LEU A 252 -4.80 -26.70 -22.93
N SER A 253 -5.67 -26.00 -23.66
CA SER A 253 -5.75 -26.17 -25.12
C SER A 253 -5.19 -24.94 -25.82
N TRP A 254 -5.08 -25.03 -27.15
CA TRP A 254 -4.62 -23.91 -27.95
C TRP A 254 -5.58 -22.73 -27.84
N LYS A 255 -6.87 -23.04 -27.90
CA LYS A 255 -7.91 -22.03 -27.80
C LYS A 255 -7.90 -21.40 -26.40
N ARG A 256 -7.62 -22.21 -25.39
CA ARG A 256 -7.52 -21.72 -24.02
C ARG A 256 -6.30 -20.82 -23.86
N GLY A 257 -5.20 -21.20 -24.51
CA GLY A 257 -3.98 -20.42 -24.46
C GLY A 257 -4.14 -19.06 -25.14
N LEU A 258 -4.99 -19.02 -26.15
CA LEU A 258 -5.27 -17.78 -26.86
C LEU A 258 -6.21 -16.90 -26.05
N GLN A 259 -7.13 -17.54 -25.33
CA GLN A 259 -8.06 -16.82 -24.47
C GLN A 259 -7.33 -16.22 -23.27
N LEU A 260 -6.35 -16.95 -22.77
CA LEU A 260 -5.53 -16.50 -21.65
C LEU A 260 -4.71 -15.28 -22.03
N ASN A 261 -4.14 -15.30 -23.23
CA ASN A 261 -3.31 -14.22 -23.72
C ASN A 261 -4.07 -12.90 -23.84
N TYR A 262 -5.35 -12.99 -24.19
CA TYR A 262 -6.17 -11.79 -24.33
C TYR A 262 -6.48 -11.17 -22.96
N ASN A 263 -6.74 -12.03 -21.97
CA ASN A 263 -6.99 -11.56 -20.61
C ASN A 263 -5.77 -10.83 -20.04
N VAL A 264 -4.60 -11.41 -20.22
CA VAL A 264 -3.35 -10.80 -19.76
C VAL A 264 -3.03 -9.55 -20.56
N THR A 265 -3.40 -9.56 -21.84
CA THR A 265 -3.20 -8.40 -22.71
C THR A 265 -3.96 -7.19 -22.17
N ARG A 266 -5.19 -7.41 -21.72
CA ARG A 266 -6.01 -6.36 -21.14
C ARG A 266 -5.35 -5.80 -19.87
N LEU A 267 -4.68 -6.66 -19.12
CA LEU A 267 -3.92 -6.23 -17.95
C LEU A 267 -2.70 -5.42 -18.37
N GLU A 268 -2.07 -5.82 -19.46
CA GLU A 268 -0.91 -5.11 -19.99
C GLU A 268 -1.31 -3.72 -20.48
N GLU A 269 -2.41 -3.65 -21.22
CA GLU A 269 -2.89 -2.38 -21.77
C GLU A 269 -3.37 -1.43 -20.68
N TRP A 270 -3.79 -1.99 -19.55
CA TRP A 270 -4.21 -1.15 -18.42
C TRP A 270 -2.99 -0.51 -17.77
N CYS A 271 -1.94 -1.31 -17.58
CA CYS A 271 -0.69 -0.81 -17.00
C CYS A 271 -0.07 0.25 -17.88
N LYS A 272 -0.15 0.04 -19.19
CA LYS A 272 0.41 0.96 -20.16
C LYS A 272 -0.27 2.32 -20.11
N THR A 273 -1.59 2.31 -20.02
CA THR A 273 -2.37 3.55 -20.04
C THR A 273 -2.46 4.22 -18.67
N HIS A 274 -1.89 3.60 -17.65
CA HIS A 274 -1.95 4.14 -16.30
C HIS A 274 -0.57 4.38 -15.71
N GLY A 275 0.40 4.71 -16.56
CA GLY A 275 1.73 5.07 -16.11
C GLY A 275 2.52 3.94 -15.46
N LEU A 276 2.46 2.75 -16.05
CA LEU A 276 3.21 1.60 -15.56
C LEU A 276 3.90 0.89 -16.72
N THR A 277 5.22 0.80 -16.65
CA THR A 277 6.01 0.27 -17.75
C THR A 277 6.63 -1.09 -17.46
N ASP A 278 6.46 -1.57 -16.23
CA ASP A 278 7.03 -2.85 -15.83
C ASP A 278 5.95 -3.92 -15.62
N GLY A 279 4.76 -3.66 -16.16
CA GLY A 279 3.65 -4.58 -16.02
C GLY A 279 3.88 -5.90 -16.72
N THR A 280 4.54 -5.85 -17.88
CA THR A 280 4.85 -7.05 -18.65
C THR A 280 5.82 -7.94 -17.88
N GLU A 281 6.75 -7.32 -17.17
CA GLU A 281 7.74 -8.04 -16.38
C GLU A 281 7.09 -8.79 -15.22
N CYS A 282 5.94 -8.28 -14.77
CA CYS A 282 5.26 -8.85 -13.61
C CYS A 282 4.32 -10.00 -13.99
N LEU A 283 4.04 -10.14 -15.29
CA LEU A 283 3.07 -11.13 -15.75
C LEU A 283 3.69 -12.18 -16.66
N GLN A 284 5.01 -12.31 -16.63
CA GLN A 284 5.72 -13.19 -17.55
C GLN A 284 5.32 -14.66 -17.46
N HIS A 285 5.08 -15.15 -16.24
CA HIS A 285 4.71 -16.54 -16.06
C HIS A 285 3.37 -16.85 -16.72
N LEU A 286 2.46 -15.88 -16.72
CA LEU A 286 1.19 -16.03 -17.41
C LEU A 286 1.35 -15.85 -18.91
N ILE A 287 2.18 -14.87 -19.28
CA ILE A 287 2.44 -14.58 -20.70
C ILE A 287 3.13 -15.76 -21.38
N GLN A 288 4.17 -16.29 -20.75
CA GLN A 288 4.94 -17.39 -21.32
C GLN A 288 4.16 -18.70 -21.30
N THR A 289 3.14 -18.77 -20.43
CA THR A 289 2.25 -19.92 -20.40
C THR A 289 1.32 -19.88 -21.62
N ALA A 290 0.81 -18.69 -21.91
CA ALA A 290 -0.06 -18.48 -23.06
C ALA A 290 0.68 -18.75 -24.36
N LYS A 291 1.94 -18.31 -24.43
CA LYS A 291 2.77 -18.51 -25.61
C LYS A 291 3.05 -19.99 -25.84
N LEU A 292 3.29 -20.73 -24.76
CA LEU A 292 3.55 -22.17 -24.85
C LEU A 292 2.36 -22.91 -25.43
N LEU A 293 1.16 -22.52 -25.01
CA LEU A 293 -0.06 -23.19 -25.45
C LEU A 293 -0.44 -22.84 -26.89
N GLN A 294 0.35 -22.00 -27.55
CA GLN A 294 0.06 -21.59 -28.91
C GLN A 294 1.15 -21.98 -29.91
N VAL A 295 2.41 -21.91 -29.48
CA VAL A 295 3.53 -22.17 -30.37
C VAL A 295 3.59 -23.65 -30.79
N ARG A 296 4.35 -23.91 -31.85
CA ARG A 296 4.50 -25.26 -32.38
C ARG A 296 5.26 -26.14 -31.40
N LYS A 297 4.81 -27.39 -31.27
CA LYS A 297 5.44 -28.36 -30.38
C LYS A 297 5.50 -29.74 -31.01
N TYR A 298 5.76 -29.78 -32.31
CA TYR A 298 5.75 -31.03 -33.06
C TYR A 298 7.11 -31.73 -33.04
N THR A 299 8.16 -30.99 -33.40
CA THR A 299 9.50 -31.57 -33.48
C THR A 299 10.40 -31.07 -32.35
N ILE A 300 11.57 -31.70 -32.23
CA ILE A 300 12.56 -31.33 -31.22
C ILE A 300 13.02 -29.89 -31.43
N GLU A 301 13.07 -29.48 -32.70
CA GLU A 301 13.45 -28.12 -33.07
C GLU A 301 12.56 -27.07 -32.40
N ASP A 302 11.28 -27.41 -32.25
CA ASP A 302 10.30 -26.48 -31.67
C ASP A 302 10.52 -26.28 -30.17
N ILE A 303 10.87 -27.36 -29.47
CA ILE A 303 11.05 -27.31 -28.03
C ILE A 303 12.24 -26.44 -27.64
N ASP A 304 13.28 -26.45 -28.46
CA ASP A 304 14.46 -25.63 -28.24
C ASP A 304 14.10 -24.14 -28.27
N ILE A 305 13.27 -23.77 -29.25
CA ILE A 305 12.80 -22.40 -29.37
C ILE A 305 11.88 -22.07 -28.20
N LEU A 306 11.17 -23.10 -27.72
CA LEU A 306 10.23 -22.92 -26.61
C LEU A 306 10.96 -22.62 -25.30
N ARG A 307 12.10 -23.28 -25.09
CA ARG A 307 12.90 -23.05 -23.89
C ARG A 307 13.44 -21.63 -23.85
N GLY A 308 13.66 -21.05 -25.04
CA GLY A 308 14.17 -19.69 -25.14
C GLY A 308 13.10 -18.67 -24.86
N ILE A 309 11.90 -18.89 -25.38
CA ILE A 309 10.78 -17.97 -25.15
C ILE A 309 10.34 -18.02 -23.69
N CYS A 310 10.22 -19.22 -23.14
CA CYS A 310 9.84 -19.39 -21.74
C CYS A 310 11.06 -19.36 -20.83
N TYR A 311 11.61 -18.17 -20.62
CA TYR A 311 12.84 -18.01 -19.83
C TYR A 311 12.54 -17.88 -18.34
N SER A 312 11.27 -17.71 -17.99
CA SER A 312 10.87 -17.60 -16.59
C SER A 312 10.48 -18.96 -16.04
N LEU A 313 10.28 -19.93 -16.93
CA LEU A 313 9.84 -21.26 -16.54
C LEU A 313 11.01 -22.23 -16.41
N THR A 314 10.78 -23.32 -15.68
CA THR A 314 11.80 -24.35 -15.46
C THR A 314 11.44 -25.60 -16.24
N PRO A 315 12.43 -26.47 -16.52
CA PRO A 315 12.18 -27.75 -17.19
C PRO A 315 11.08 -28.58 -16.54
N ALA A 316 11.03 -28.57 -15.22
CA ALA A 316 10.00 -29.32 -14.48
C ALA A 316 8.62 -28.71 -14.70
N GLN A 317 8.60 -27.41 -14.99
CA GLN A 317 7.34 -26.71 -15.23
C GLN A 317 6.90 -26.87 -16.68
N LEU A 318 7.86 -26.80 -17.60
CA LEU A 318 7.60 -27.02 -19.01
C LEU A 318 7.07 -28.43 -19.25
N GLN A 319 7.71 -29.40 -18.61
CA GLN A 319 7.31 -30.80 -18.72
C GLN A 319 5.89 -31.01 -18.21
N LYS A 320 5.57 -30.34 -17.10
CA LYS A 320 4.24 -30.45 -16.49
C LYS A 320 3.19 -29.76 -17.34
N LEU A 321 3.58 -28.66 -17.98
CA LEU A 321 2.66 -27.88 -18.81
C LEU A 321 2.39 -28.54 -20.15
N ILE A 322 3.44 -29.07 -20.77
CA ILE A 322 3.32 -29.72 -22.07
C ILE A 322 2.53 -31.02 -21.97
N SER A 323 2.77 -31.79 -20.93
CA SER A 323 2.12 -33.09 -20.75
C SER A 323 0.62 -32.96 -20.43
N GLN A 324 0.19 -31.76 -20.07
CA GLN A 324 -1.22 -31.52 -19.77
C GLN A 324 -1.89 -30.71 -20.87
N TYR A 325 -1.26 -30.67 -22.04
CA TYR A 325 -1.78 -29.91 -23.17
C TYR A 325 -2.98 -30.60 -23.80
N GLN A 326 -4.05 -29.84 -24.03
CA GLN A 326 -5.26 -30.38 -24.62
C GLN A 326 -5.22 -30.33 -26.15
N VAL A 327 -4.93 -31.48 -26.75
CA VAL A 327 -4.95 -31.62 -28.20
C VAL A 327 -6.39 -31.70 -28.70
N ALA A 328 -6.73 -30.83 -29.65
CA ALA A 328 -8.09 -30.77 -30.17
C ALA A 328 -8.46 -32.03 -30.96
N ASP A 329 -9.71 -32.08 -31.42
CA ASP A 329 -10.21 -33.22 -32.20
C ASP A 329 -9.40 -33.44 -33.47
N TYR A 330 -9.03 -32.35 -34.12
CA TYR A 330 -8.32 -32.39 -35.38
C TYR A 330 -6.81 -32.49 -35.19
N GLU A 331 -6.32 -31.90 -34.11
CA GLU A 331 -4.88 -31.74 -33.90
C GLU A 331 -4.20 -33.08 -33.64
N SER A 332 -2.92 -33.16 -34.00
CA SER A 332 -2.13 -34.36 -33.78
C SER A 332 -1.37 -34.26 -32.47
N PRO A 333 -1.40 -35.35 -31.67
CA PRO A 333 -0.74 -35.41 -30.37
C PRO A 333 0.77 -35.21 -30.46
N ILE A 334 1.39 -34.84 -29.34
CA ILE A 334 2.85 -34.65 -29.29
C ILE A 334 3.56 -35.99 -29.17
N PRO A 335 4.47 -36.27 -30.12
CA PRO A 335 5.20 -37.55 -30.21
C PRO A 335 5.93 -37.93 -28.92
N GLN A 336 6.07 -39.24 -28.69
CA GLN A 336 6.77 -39.75 -27.52
C GLN A 336 8.26 -39.41 -27.59
N GLU A 337 8.74 -39.17 -28.81
CA GLU A 337 10.11 -38.76 -29.05
C GLU A 337 10.37 -37.39 -28.43
N ILE A 338 9.33 -36.56 -28.41
CA ILE A 338 9.42 -35.22 -27.85
C ILE A 338 9.33 -35.26 -26.32
N LEU A 339 8.40 -36.06 -25.81
CA LEU A 339 8.20 -36.19 -24.37
C LEU A 339 9.44 -36.77 -23.70
N ARG A 340 10.07 -37.74 -24.38
CA ARG A 340 11.28 -38.36 -23.86
C ARG A 340 12.42 -37.34 -23.86
N TYR A 341 12.43 -36.47 -24.86
CA TYR A 341 13.46 -35.44 -24.98
C TYR A 341 13.29 -34.36 -23.91
N VAL A 342 12.05 -34.03 -23.59
CA VAL A 342 11.76 -33.05 -22.56
C VAL A 342 12.17 -33.57 -21.19
N ALA A 343 11.75 -34.79 -20.87
CA ALA A 343 12.09 -35.42 -19.60
C ALA A 343 13.60 -35.66 -19.51
N ASP A 344 14.25 -35.80 -20.65
CA ASP A 344 15.69 -35.98 -20.71
C ASP A 344 16.41 -34.73 -20.20
N ILE A 345 15.86 -33.57 -20.56
CA ILE A 345 16.41 -32.29 -20.12
C ILE A 345 16.18 -32.09 -18.62
N VAL A 346 15.03 -32.55 -18.14
CA VAL A 346 14.69 -32.45 -16.72
C VAL A 346 15.67 -33.25 -15.86
N LYS A 347 16.15 -34.37 -16.41
CA LYS A 347 17.12 -35.20 -15.73
C LYS A 347 18.40 -34.43 -15.42
N LYS A 348 18.91 -33.72 -16.43
CA LYS A 348 20.17 -32.98 -16.30
C LYS A 348 20.04 -31.80 -15.35
N GLU A 349 18.89 -31.14 -15.38
CA GLU A 349 18.66 -29.95 -14.56
C GLU A 349 18.67 -30.26 -13.07
N ALA A 350 18.13 -31.43 -12.70
CA ALA A 350 18.01 -31.82 -11.30
C ALA A 350 19.37 -32.21 -10.71
N ALA A 351 20.26 -32.71 -11.56
CA ALA A 351 21.57 -33.17 -11.10
C ALA A 351 22.49 -32.00 -10.71
N LEU A 352 22.25 -30.85 -11.31
CA LEU A 352 23.10 -29.69 -11.09
C LEU A 352 22.94 -29.09 -9.70
N SER A 353 21.77 -29.29 -9.10
CA SER A 353 21.46 -28.71 -7.80
C SER A 353 22.09 -29.48 -6.64
N SER A 354 22.84 -30.52 -6.96
CA SER A 354 23.51 -31.32 -5.94
C SER A 354 25.02 -31.12 -5.98
N SER A 366 12.61 -27.38 -5.19
CA SER A 366 12.43 -28.34 -6.27
C SER A 366 10.96 -28.47 -6.65
N SER A 367 10.20 -27.40 -6.42
CA SER A 367 8.77 -27.42 -6.71
C SER A 367 8.46 -26.92 -8.12
N ILE A 368 7.23 -27.15 -8.56
CA ILE A 368 6.79 -26.68 -9.86
C ILE A 368 5.91 -25.43 -9.71
N PHE A 369 5.54 -25.14 -8.47
CA PHE A 369 4.70 -23.98 -8.17
C PHE A 369 5.54 -22.73 -7.92
N ILE A 370 4.88 -21.58 -7.95
CA ILE A 370 5.51 -20.32 -7.59
C ILE A 370 4.96 -19.85 -6.25
N THR A 371 5.82 -19.70 -5.26
CA THR A 371 5.42 -19.20 -3.95
C THR A 371 5.13 -17.71 -4.03
N PRO A 372 3.86 -17.32 -3.86
CA PRO A 372 3.46 -15.92 -3.94
C PRO A 372 4.01 -15.11 -2.78
N GLU A 373 4.50 -13.91 -3.07
CA GLU A 373 4.99 -13.01 -2.02
C GLU A 373 3.82 -12.52 -1.17
N THR A 374 3.61 -13.18 -0.03
CA THR A 374 2.47 -12.87 0.83
C THR A 374 2.86 -11.96 1.99
N GLY A 375 4.09 -11.44 1.95
CA GLY A 375 4.58 -10.57 2.99
C GLY A 375 5.65 -11.23 3.84
N PRO A 376 6.32 -10.44 4.71
CA PRO A 376 6.12 -8.99 4.90
C PRO A 376 6.68 -8.15 3.75
N PHE A 377 6.09 -6.98 3.53
CA PHE A 377 6.50 -6.11 2.44
C PHE A 377 7.23 -4.87 2.94
N THR A 378 8.15 -4.37 2.13
CA THR A 378 8.83 -3.12 2.43
C THR A 378 7.91 -1.93 2.15
N ASP A 379 7.73 -1.08 3.16
CA ASP A 379 6.89 0.11 3.02
C ASP A 379 7.47 1.03 1.96
N PRO A 380 6.69 1.27 0.87
CA PRO A 380 7.12 2.12 -0.23
C PRO A 380 7.37 3.56 0.20
N PHE A 381 6.63 4.02 1.19
CA PHE A 381 6.79 5.37 1.70
C PHE A 381 8.17 5.58 2.33
N SER A 382 8.76 4.49 2.81
CA SER A 382 10.08 4.55 3.46
C SER A 382 11.21 4.69 2.44
N LEU A 383 10.87 4.77 1.17
CA LEU A 383 11.86 4.90 0.11
C LEU A 383 11.74 6.23 -0.61
N ILE A 384 10.86 7.09 -0.10
CA ILE A 384 10.66 8.43 -0.65
C ILE A 384 10.91 9.46 0.45
N LYS A 385 11.59 10.56 0.10
CA LYS A 385 11.84 11.64 1.05
C LYS A 385 10.56 12.09 1.73
N THR A 386 10.63 12.31 3.04
CA THR A 386 9.49 12.77 3.80
C THR A 386 9.01 14.12 3.27
N ARG A 387 7.71 14.32 3.26
CA ARG A 387 7.12 15.56 2.78
C ARG A 387 7.68 16.75 3.54
N LYS A 388 8.41 17.61 2.85
CA LYS A 388 9.01 18.79 3.46
C LYS A 388 7.94 19.64 4.13
N PHE A 389 7.87 19.52 5.45
CA PHE A 389 6.83 20.17 6.23
C PHE A 389 6.91 21.68 6.17
N ASP A 390 5.79 22.30 5.81
CA ASP A 390 5.66 23.76 5.88
C ASP A 390 4.53 24.08 6.85
N GLN A 391 4.39 25.36 7.20
CA GLN A 391 3.38 25.79 8.16
C GLN A 391 1.97 25.37 7.75
N VAL A 392 1.20 24.92 8.73
CA VAL A 392 -0.15 24.41 8.49
C VAL A 392 -1.20 25.50 8.67
N GLU A 393 -2.20 25.53 7.80
CA GLU A 393 -3.33 26.42 7.96
C GLU A 393 -4.28 25.87 9.01
N ALA A 394 -4.64 26.69 9.99
CA ALA A 394 -5.58 26.28 11.04
C ALA A 394 -6.94 25.97 10.45
N TYR A 395 -7.23 24.69 10.26
CA TYR A 395 -8.44 24.26 9.57
C TYR A 395 -9.06 23.01 10.18
N ILE A 396 -10.38 22.97 10.20
CA ILE A 396 -11.13 21.81 10.65
C ILE A 396 -12.53 21.80 10.04
N PRO A 397 -12.91 20.69 9.40
CA PRO A 397 -14.20 20.52 8.71
C PRO A 397 -15.41 20.91 9.58
N ALA A 398 -16.41 21.52 8.96
CA ALA A 398 -17.59 22.00 9.68
C ALA A 398 -18.53 20.85 10.05
N TRP A 399 -18.48 19.76 9.29
CA TRP A 399 -19.35 18.62 9.55
C TRP A 399 -18.87 17.84 10.76
N LEU A 400 -17.60 18.03 11.14
CA LEU A 400 -17.04 17.36 12.30
C LEU A 400 -17.55 17.96 13.61
N SER A 401 -17.72 17.11 14.62
CA SER A 401 -18.17 17.54 15.93
C SER A 401 -17.12 17.24 16.99
N LEU A 402 -16.13 18.13 17.10
CA LEU A 402 -15.09 17.99 18.11
C LEU A 402 -14.97 19.28 18.92
N PRO A 403 -15.78 19.39 19.99
CA PRO A 403 -15.89 20.57 20.85
C PRO A 403 -14.55 21.10 21.36
N SER A 404 -13.83 20.27 22.11
CA SER A 404 -12.55 20.69 22.69
C SER A 404 -11.48 20.88 21.63
N THR A 405 -11.42 19.96 20.67
CA THR A 405 -10.38 19.98 19.65
C THR A 405 -10.49 21.21 18.74
N LYS A 406 -11.73 21.61 18.46
CA LYS A 406 -11.95 22.80 17.62
C LYS A 406 -11.61 24.07 18.38
N ARG A 407 -11.96 24.11 19.67
CA ARG A 407 -11.68 25.26 20.52
C ARG A 407 -10.18 25.54 20.57
N ILE A 408 -9.39 24.47 20.60
CA ILE A 408 -7.94 24.58 20.59
C ILE A 408 -7.45 25.27 19.32
N VAL A 409 -7.83 24.71 18.18
CA VAL A 409 -7.42 25.23 16.88
C VAL A 409 -7.82 26.69 16.70
N ASP A 410 -9.03 27.03 17.14
CA ASP A 410 -9.51 28.41 17.06
C ASP A 410 -8.70 29.33 17.94
N LEU A 411 -8.26 28.82 19.10
CA LEU A 411 -7.49 29.62 20.04
C LEU A 411 -6.10 29.93 19.51
N VAL A 412 -5.46 28.95 18.86
CA VAL A 412 -4.13 29.15 18.31
C VAL A 412 -4.19 30.12 17.13
N ALA A 413 -5.33 30.14 16.43
CA ALA A 413 -5.52 31.04 15.31
C ALA A 413 -5.47 32.50 15.76
N GLN A 414 -6.20 32.82 16.82
CA GLN A 414 -6.20 34.16 17.39
C GLN A 414 -4.81 34.53 17.90
N GLN A 415 -4.16 33.55 18.52
CA GLN A 415 -2.84 33.74 19.11
C GLN A 415 -1.77 34.03 18.06
N VAL A 416 -1.86 33.33 16.93
CA VAL A 416 -0.92 33.53 15.82
C VAL A 416 -0.99 34.97 15.32
N VAL A 417 -2.20 35.50 15.18
CA VAL A 417 -2.39 36.88 14.74
C VAL A 417 -1.79 37.85 15.76
N GLN A 418 -1.96 37.54 17.04
CA GLN A 418 -1.42 38.37 18.11
C GLN A 418 0.10 38.27 18.17
N HIS B 15 10.12 24.58 30.62
CA HIS B 15 10.31 25.56 29.56
C HIS B 15 9.49 25.22 28.32
N GLY B 16 9.45 23.93 27.99
CA GLY B 16 8.65 23.46 26.86
C GLY B 16 9.44 23.29 25.59
N PHE B 17 8.73 22.96 24.50
CA PHE B 17 9.35 22.71 23.22
C PHE B 17 8.52 23.37 22.11
N HIS B 18 8.93 24.57 21.72
CA HIS B 18 8.13 25.42 20.85
C HIS B 18 8.54 25.35 19.38
N LEU B 19 7.61 24.90 18.54
CA LEU B 19 7.83 24.87 17.09
C LEU B 19 6.91 25.87 16.39
N ASP B 20 7.39 26.43 15.28
CA ASP B 20 6.61 27.37 14.49
C ASP B 20 6.00 26.65 13.29
N ILE B 21 4.74 26.25 13.42
CA ILE B 21 4.13 25.36 12.44
C ILE B 21 2.79 25.85 11.86
N LEU B 22 2.36 27.05 12.21
CA LEU B 22 1.10 27.57 11.68
C LEU B 22 1.28 28.85 10.88
N LYS B 23 0.34 29.12 9.99
CA LYS B 23 0.35 30.33 9.18
C LYS B 23 -0.49 31.43 9.81
S SO4 C . -14.31 -8.59 1.92
O1 SO4 C . -13.73 -9.94 1.91
O2 SO4 C . -14.37 -8.10 3.30
O3 SO4 C . -15.64 -8.63 1.34
O4 SO4 C . -13.45 -7.70 1.14
S SO4 D . -12.90 34.28 22.32
O1 SO4 D . -13.77 33.81 23.39
O2 SO4 D . -12.30 35.55 22.72
O3 SO4 D . -11.85 33.30 22.08
O4 SO4 D . -13.70 34.49 21.11
#